data_2PI0
#
_entry.id   2PI0
#
_cell.length_a   173.417
_cell.length_b   46.132
_cell.length_c   129.325
_cell.angle_alpha   90.00
_cell.angle_beta   129.42
_cell.angle_gamma   90.00
#
_symmetry.space_group_name_H-M   'C 1 2 1'
#
loop_
_entity.id
_entity.type
_entity.pdbx_description
1 polymer 'PRDIII-I region of human interferon-B promoter strand 1'
2 polymer 'PRDIII-I region of human interferon-B promoter strand 2'
3 polymer 'Interferon regulatory factor 3'
4 water water
#
loop_
_entity_poly.entity_id
_entity_poly.type
_entity_poly.pdbx_seq_one_letter_code
_entity_poly.pdbx_strand_id
1 'polydeoxyribonucleotide'
;(DC)(DA)(DT)(DA)(DG)(DG)(DA)(DA)(DA)(DA)(DC)(DT)(DG)(DA)(DA)(DA)(DG)(DG)(DG)(DA)
(DG)(DA)(DA)(DG)(DT)(DG)(DA)(DA)(DA)(DG)(DT)(DG)
;
E
2 'polydeoxyribonucleotide'
;(DC)(DA)(DC)(DT)(DT)(DT)(DC)(DA)(DC)(DT)(DT)(DC)(DT)(DC)(DC)(DC)(DT)(DT)(DT)(DC)
(DA)(DG)(DT)(DT)(DT)(DT)(DC)(DC)(DT)(DA)(DT)(DG)
;
F
3 'polypeptide(L)'
;GSHMGTPKPRILPWLVSQLDLGQLEGVAWVNKSRTRFRIPWKHGLRQDAQQEDFGIFQAWAEATGAYVPGRDKPDLPTWK
RNFRSALNRKEGLRLAEDRSKDPHDPHKIYEFVNSG
;
A,B,C,D
#
# COMPACT_ATOMS: atom_id res chain seq x y z
N LYS C 8 -15.86 -6.69 6.37
CA LYS C 8 -16.45 -5.66 7.29
C LYS C 8 -17.51 -4.80 6.58
N PRO C 9 -18.77 -4.85 7.03
CA PRO C 9 -19.93 -4.12 6.45
C PRO C 9 -19.77 -2.60 6.52
N ARG C 10 -20.24 -1.86 5.53
CA ARG C 10 -20.18 -0.41 5.51
C ARG C 10 -21.52 0.16 6.09
N ILE C 11 -21.43 1.13 7.00
CA ILE C 11 -22.58 1.55 7.81
C ILE C 11 -23.86 1.84 7.00
N LEU C 12 -23.77 2.72 5.99
CA LEU C 12 -24.96 3.14 5.23
C LEU C 12 -25.63 2.05 4.40
N PRO C 13 -24.88 1.35 3.55
CA PRO C 13 -25.50 0.19 2.93
C PRO C 13 -26.11 -0.71 3.99
N TRP C 14 -25.45 -0.83 5.11
CA TRP C 14 -25.89 -1.73 6.18
C TRP C 14 -27.23 -1.27 6.81
N LEU C 15 -27.34 0.05 6.91
CA LEU C 15 -28.42 0.75 7.57
C LEU C 15 -29.72 0.75 6.70
N VAL C 16 -29.53 0.97 5.39
CA VAL C 16 -30.62 0.86 4.40
C VAL C 16 -31.17 -0.56 4.49
N SER C 17 -30.24 -1.51 4.68
CA SER C 17 -30.56 -2.91 4.79
C SER C 17 -31.33 -3.31 6.07
N GLN C 18 -31.02 -2.66 7.19
CA GLN C 18 -31.80 -2.73 8.43
C GLN C 18 -33.20 -2.07 8.33
N LEU C 19 -33.31 -1.03 7.51
CA LEU C 19 -34.53 -0.23 7.38
C LEU C 19 -35.54 -0.89 6.41
N ASP C 20 -35.01 -1.36 5.27
CA ASP C 20 -35.74 -2.18 4.30
C ASP C 20 -36.22 -3.49 4.92
N LEU C 21 -35.39 -4.10 5.77
CA LEU C 21 -35.77 -5.30 6.53
C LEU C 21 -36.78 -5.07 7.67
N GLY C 22 -36.80 -3.86 8.23
CA GLY C 22 -37.79 -3.43 9.23
C GLY C 22 -37.93 -4.27 10.48
N GLN C 23 -36.94 -5.10 10.79
CA GLN C 23 -37.04 -5.97 11.95
C GLN C 23 -36.30 -5.47 13.20
N LEU C 24 -36.04 -4.15 13.26
CA LEU C 24 -35.51 -3.50 14.44
C LEU C 24 -36.57 -2.55 14.99
N GLU C 25 -37.10 -2.89 16.17
CA GLU C 25 -38.14 -2.10 16.84
C GLU C 25 -37.90 -0.58 16.75
N GLY C 26 -38.87 0.11 16.14
CA GLY C 26 -38.85 1.58 15.99
C GLY C 26 -37.82 2.14 15.00
N VAL C 27 -37.28 1.30 14.12
CA VAL C 27 -36.30 1.73 13.12
C VAL C 27 -36.95 1.51 11.78
N ALA C 28 -37.29 2.61 11.12
CA ALA C 28 -38.24 2.54 10.02
C ALA C 28 -38.09 3.64 9.00
N TRP C 29 -38.49 3.32 7.76
CA TRP C 29 -38.83 4.32 6.75
C TRP C 29 -40.12 5.00 7.20
N VAL C 30 -40.12 6.32 7.10
CA VAL C 30 -41.13 7.17 7.69
C VAL C 30 -41.64 7.99 6.49
N ASN C 31 -41.33 7.46 5.31
CA ASN C 31 -41.42 8.17 4.04
C ASN C 31 -42.03 7.24 2.97
N LYS C 32 -42.23 7.76 1.76
CA LYS C 32 -42.65 6.95 0.61
C LYS C 32 -41.46 6.84 -0.37
N SER C 33 -40.82 7.97 -0.66
CA SER C 33 -39.67 7.99 -1.53
C SER C 33 -38.47 7.26 -0.87
N ARG C 34 -38.75 6.65 0.30
CA ARG C 34 -37.77 5.98 1.21
C ARG C 34 -36.44 6.73 1.33
N THR C 35 -36.54 7.98 1.77
CA THR C 35 -35.40 8.88 1.91
C THR C 35 -35.36 9.48 3.32
N ARG C 36 -36.37 9.16 4.13
CA ARG C 36 -36.49 9.64 5.51
C ARG C 36 -36.75 8.45 6.46
N PHE C 37 -36.15 8.50 7.67
CA PHE C 37 -36.26 7.38 8.61
C PHE C 37 -36.15 7.72 10.14
N ARG C 38 -36.75 6.89 10.98
CA ARG C 38 -36.68 7.11 12.43
C ARG C 38 -35.71 6.10 13.08
N ILE C 39 -35.12 6.49 14.20
CA ILE C 39 -34.34 5.58 15.05
C ILE C 39 -34.69 5.98 16.47
N PRO C 40 -35.05 5.00 17.33
CA PRO C 40 -35.57 5.41 18.65
C PRO C 40 -34.41 5.80 19.57
N TRP C 41 -34.60 6.87 20.33
CA TRP C 41 -33.51 7.42 21.09
C TRP C 41 -33.85 7.64 22.59
N LYS C 42 -34.11 6.57 23.33
CA LYS C 42 -34.38 6.70 24.79
C LYS C 42 -33.10 7.01 25.54
N HIS C 43 -33.18 7.86 26.56
CA HIS C 43 -32.05 8.08 27.42
C HIS C 43 -32.09 6.82 28.25
N GLY C 44 -31.22 5.88 27.94
CA GLY C 44 -31.16 4.60 28.63
C GLY C 44 -30.16 4.72 29.75
N LEU C 45 -30.65 4.77 30.99
CA LEU C 45 -29.79 5.04 32.15
C LEU C 45 -30.05 4.10 33.36
N ARG C 46 -31.04 3.22 33.21
CA ARG C 46 -31.38 2.25 34.27
C ARG C 46 -30.50 0.98 34.19
N GLY C 55 -31.94 -3.51 19.65
CA GLY C 55 -31.20 -2.21 19.55
C GLY C 55 -30.28 -2.02 18.35
N ILE C 56 -30.49 -0.97 17.57
CA ILE C 56 -29.62 -0.69 16.41
C ILE C 56 -28.18 -0.26 16.71
N PHE C 57 -27.93 0.18 17.94
CA PHE C 57 -26.57 0.54 18.38
C PHE C 57 -25.71 -0.72 18.66
N GLN C 58 -26.33 -1.70 19.33
CA GLN C 58 -25.74 -3.01 19.52
C GLN C 58 -25.68 -3.81 18.23
N ALA C 59 -26.69 -3.66 17.37
CA ALA C 59 -26.68 -4.28 16.05
C ALA C 59 -25.36 -3.91 15.35
N TRP C 60 -25.11 -2.63 15.22
CA TRP C 60 -23.85 -2.14 14.66
C TRP C 60 -22.59 -2.67 15.37
N ALA C 61 -22.58 -2.65 16.72
CA ALA C 61 -21.39 -3.10 17.47
C ALA C 61 -21.08 -4.58 17.30
N GLU C 62 -22.11 -5.37 17.06
CA GLU C 62 -21.96 -6.78 16.80
C GLU C 62 -21.57 -7.03 15.34
N ALA C 63 -22.21 -6.30 14.43
CA ALA C 63 -21.89 -6.38 12.98
C ALA C 63 -20.40 -6.12 12.67
N THR C 64 -19.73 -5.30 13.49
CA THR C 64 -18.33 -4.96 13.24
C THR C 64 -17.33 -5.73 14.06
N GLY C 65 -17.80 -6.56 14.98
CA GLY C 65 -16.91 -7.32 15.89
C GLY C 65 -16.49 -6.59 17.16
N ALA C 66 -16.87 -5.32 17.30
CA ALA C 66 -16.58 -4.52 18.51
C ALA C 66 -17.05 -5.23 19.77
N TYR C 67 -18.23 -5.83 19.68
CA TYR C 67 -18.86 -6.50 20.80
C TYR C 67 -19.26 -7.88 20.39
N VAL C 68 -18.71 -8.83 21.13
CA VAL C 68 -19.18 -10.21 21.09
C VAL C 68 -19.82 -10.52 22.43
N PRO C 69 -21.17 -10.73 22.44
CA PRO C 69 -21.79 -11.10 23.73
C PRO C 69 -21.16 -12.39 24.25
N GLY C 70 -20.60 -12.32 25.46
CA GLY C 70 -19.96 -13.44 26.14
C GLY C 70 -18.49 -13.19 26.43
N ARG C 71 -17.78 -12.71 25.41
CA ARG C 71 -16.38 -12.29 25.54
C ARG C 71 -16.25 -10.92 26.26
N ASP C 72 -17.32 -10.12 26.22
CA ASP C 72 -17.21 -8.70 26.53
C ASP C 72 -18.25 -8.18 27.51
N LYS C 73 -17.86 -7.12 28.23
CA LYS C 73 -18.76 -6.47 29.13
C LYS C 73 -19.73 -5.66 28.28
N PRO C 74 -21.05 -5.81 28.54
CA PRO C 74 -22.04 -5.04 27.75
C PRO C 74 -21.91 -3.53 28.04
N ASP C 75 -21.99 -2.68 27.02
CA ASP C 75 -21.67 -1.28 27.21
C ASP C 75 -22.55 -0.36 26.35
N LEU C 76 -23.83 -0.32 26.62
CA LEU C 76 -24.81 0.32 25.77
C LEU C 76 -24.56 1.86 25.53
N PRO C 77 -24.02 2.59 26.53
CA PRO C 77 -23.58 3.95 26.18
C PRO C 77 -22.51 4.00 25.06
N THR C 78 -21.43 3.20 25.14
CA THR C 78 -20.42 3.15 24.09
C THR C 78 -21.02 2.81 22.70
N TRP C 79 -21.86 1.79 22.65
CA TRP C 79 -22.53 1.42 21.40
C TRP C 79 -23.33 2.58 20.75
N LYS C 80 -24.00 3.35 21.60
CA LYS C 80 -24.76 4.49 21.15
C LYS C 80 -23.82 5.55 20.65
N ARG C 81 -22.74 5.75 21.40
CA ARG C 81 -21.70 6.70 21.02
C ARG C 81 -21.11 6.33 19.66
N ASN C 82 -20.50 5.14 19.55
CA ASN C 82 -19.95 4.72 18.27
C ASN C 82 -20.97 4.86 17.11
N PHE C 83 -22.19 4.43 17.32
CA PHE C 83 -23.19 4.56 16.27
C PHE C 83 -23.55 6.06 15.93
N ARG C 84 -23.90 6.89 16.90
CA ARG C 84 -24.06 8.31 16.58
C ARG C 84 -22.81 8.94 15.89
N SER C 85 -21.59 8.54 16.28
CA SER C 85 -20.39 9.15 15.65
C SER C 85 -20.14 8.68 14.24
N ALA C 86 -20.34 7.40 13.97
CA ALA C 86 -20.30 6.94 12.57
C ALA C 86 -21.25 7.76 11.68
N LEU C 87 -22.55 7.82 12.03
CA LEU C 87 -23.57 8.49 11.20
C LEU C 87 -23.27 9.98 11.03
N ASN C 88 -22.70 10.57 12.07
CA ASN C 88 -22.24 11.93 12.07
C ASN C 88 -21.30 12.25 10.93
N ARG C 89 -20.48 11.29 10.50
CA ARG C 89 -19.45 11.54 9.48
C ARG C 89 -19.90 11.38 8.01
N LYS C 90 -21.10 10.80 7.83
CA LYS C 90 -21.59 10.51 6.49
C LYS C 90 -22.19 11.76 5.85
N GLU C 91 -21.61 12.17 4.72
CA GLU C 91 -22.28 13.13 3.83
C GLU C 91 -23.43 12.35 3.20
N GLY C 92 -24.50 13.09 2.92
CA GLY C 92 -25.71 12.45 2.39
C GLY C 92 -26.51 11.62 3.39
N LEU C 93 -26.32 11.96 4.66
CA LEU C 93 -27.24 11.62 5.72
C LEU C 93 -27.37 12.87 6.60
N ARG C 94 -28.60 13.23 6.95
CA ARG C 94 -28.88 14.38 7.83
C ARG C 94 -29.87 14.02 8.97
N LEU C 95 -29.61 14.57 10.16
CA LEU C 95 -30.55 14.53 11.26
C LEU C 95 -31.60 15.60 11.01
N ALA C 96 -32.84 15.15 10.78
CA ALA C 96 -33.93 16.03 10.37
C ALA C 96 -34.82 16.49 11.54
N GLU C 97 -34.81 15.73 12.64
CA GLU C 97 -35.65 16.04 13.80
C GLU C 97 -35.14 15.31 15.03
N ASP C 98 -34.88 16.06 16.10
CA ASP C 98 -34.39 15.47 17.33
C ASP C 98 -35.49 15.39 18.41
N ARG C 99 -36.14 14.23 18.48
CA ARG C 99 -37.19 14.02 19.46
C ARG C 99 -36.74 13.00 20.50
N SER C 100 -35.46 13.04 20.85
CA SER C 100 -34.88 12.18 21.89
C SER C 100 -35.28 12.66 23.29
N LYS C 101 -35.82 13.88 23.34
CA LYS C 101 -36.23 14.54 24.59
C LYS C 101 -37.79 14.60 24.74
N ASP C 102 -38.51 13.94 23.80
CA ASP C 102 -39.96 13.71 23.91
C ASP C 102 -40.22 12.73 25.05
N PRO C 103 -41.15 13.08 25.97
CA PRO C 103 -41.40 12.20 27.11
C PRO C 103 -41.87 10.79 26.70
N HIS C 104 -42.58 10.68 25.57
CA HIS C 104 -43.28 9.44 25.22
C HIS C 104 -42.59 8.48 24.28
N ASP C 105 -42.43 8.88 23.02
CA ASP C 105 -41.70 8.02 22.09
C ASP C 105 -40.40 8.70 21.69
N PRO C 106 -39.38 8.69 22.60
CA PRO C 106 -38.07 9.32 22.33
C PRO C 106 -37.45 8.70 21.10
N HIS C 107 -37.21 9.54 20.09
CA HIS C 107 -36.75 9.08 18.78
C HIS C 107 -36.09 10.25 18.04
N LYS C 108 -35.33 9.92 17.01
CA LYS C 108 -34.73 10.90 16.11
C LYS C 108 -35.07 10.53 14.69
N ILE C 109 -35.23 11.55 13.84
CA ILE C 109 -35.54 11.39 12.40
C ILE C 109 -34.35 11.84 11.52
N TYR C 110 -33.89 10.93 10.66
CA TYR C 110 -32.82 11.19 9.71
C TYR C 110 -33.37 11.24 8.31
N GLU C 111 -32.56 11.71 7.37
CA GLU C 111 -32.96 11.88 5.98
C GLU C 111 -31.78 11.73 5.02
N PHE C 112 -31.89 10.76 4.10
CA PHE C 112 -30.93 10.60 2.99
C PHE C 112 -31.06 11.75 1.97
N VAL C 113 -29.95 12.45 1.72
CA VAL C 113 -29.96 13.58 0.81
C VAL C 113 -28.93 13.37 -0.30
N MET D 4 28.27 16.28 5.33
CA MET D 4 28.12 14.88 4.78
C MET D 4 26.70 14.58 4.22
N GLY D 5 26.54 14.68 2.88
CA GLY D 5 25.24 14.58 2.18
C GLY D 5 24.39 13.38 2.60
N THR D 6 23.72 13.53 3.75
CA THR D 6 23.00 12.42 4.40
C THR D 6 21.87 11.79 3.52
N PRO D 7 21.82 10.42 3.47
CA PRO D 7 20.60 9.72 2.98
C PRO D 7 19.54 9.78 4.11
N LYS D 8 18.26 9.61 3.76
CA LYS D 8 17.21 9.56 4.77
C LYS D 8 17.60 8.42 5.70
N PRO D 9 17.53 8.66 7.03
CA PRO D 9 17.81 7.58 7.93
C PRO D 9 16.55 6.76 7.92
N ARG D 10 16.72 5.48 8.23
CA ARG D 10 15.66 4.54 8.31
C ARG D 10 15.24 4.50 9.73
N ILE D 11 13.96 4.34 9.95
CA ILE D 11 13.36 4.56 11.25
C ILE D 11 13.99 3.72 12.38
N LEU D 12 14.30 2.45 12.15
CA LEU D 12 14.76 1.61 13.28
C LEU D 12 16.21 1.94 13.71
N PRO D 13 17.17 1.94 12.75
CA PRO D 13 18.50 2.37 13.06
C PRO D 13 18.49 3.72 13.78
N TRP D 14 17.68 4.65 13.27
CA TRP D 14 17.55 6.02 13.83
C TRP D 14 17.08 5.95 15.29
N LEU D 15 16.13 5.09 15.59
CA LEU D 15 15.41 5.20 16.78
C LEU D 15 16.29 4.56 17.87
N VAL D 16 17.02 3.51 17.50
CA VAL D 16 18.00 2.88 18.36
C VAL D 16 19.03 3.87 18.80
N SER D 17 19.54 4.67 17.89
CA SER D 17 20.26 5.89 18.26
C SER D 17 19.66 6.65 19.40
N GLN D 18 18.39 6.98 19.24
CA GLN D 18 17.70 7.86 20.16
C GLN D 18 17.65 7.15 21.48
N LEU D 19 17.41 5.86 21.45
CA LEU D 19 17.47 5.06 22.69
C LEU D 19 18.88 5.00 23.37
N ASP D 20 19.92 4.65 22.62
CA ASP D 20 21.24 4.48 23.20
C ASP D 20 21.71 5.80 23.70
N LEU D 21 21.45 6.87 22.94
CA LEU D 21 21.90 8.20 23.34
C LEU D 21 21.06 8.85 24.47
N GLY D 22 19.85 8.34 24.70
CA GLY D 22 18.93 8.92 25.71
C GLY D 22 18.72 10.43 25.76
N GLN D 23 18.67 11.14 24.65
CA GLN D 23 18.49 12.58 24.76
C GLN D 23 17.00 13.02 24.64
N LEU D 24 16.04 12.10 24.48
CA LEU D 24 14.66 12.56 24.57
C LEU D 24 13.96 12.05 25.82
N GLU D 25 13.44 12.98 26.64
CA GLU D 25 12.69 12.63 27.84
C GLU D 25 11.61 11.51 27.57
N GLY D 26 11.65 10.49 28.42
CA GLY D 26 10.72 9.37 28.40
C GLY D 26 10.82 8.42 27.23
N VAL D 27 11.83 8.57 26.39
CA VAL D 27 12.11 7.62 25.34
C VAL D 27 13.37 6.93 25.81
N ALA D 28 13.25 5.68 26.22
CA ALA D 28 14.38 5.08 26.92
C ALA D 28 14.30 3.58 26.76
N TRP D 29 15.47 2.92 26.83
CA TRP D 29 15.52 1.47 27.01
C TRP D 29 14.96 1.20 28.36
N VAL D 30 14.23 0.10 28.48
CA VAL D 30 13.63 -0.14 29.78
C VAL D 30 14.30 -1.31 30.49
N ASN D 31 15.25 -1.97 29.82
CA ASN D 31 15.91 -3.15 30.39
C ASN D 31 17.39 -3.25 30.08
N LYS D 32 18.15 -3.92 30.98
CA LYS D 32 19.61 -4.15 30.90
C LYS D 32 20.12 -4.66 29.54
N SER D 33 19.33 -5.51 28.89
CA SER D 33 19.74 -6.11 27.63
C SER D 33 19.46 -5.22 26.44
N ARG D 34 18.79 -4.09 26.67
CA ARG D 34 18.56 -3.07 25.66
C ARG D 34 17.80 -3.70 24.51
N THR D 35 16.61 -4.17 24.87
CA THR D 35 15.79 -4.98 24.02
C THR D 35 14.39 -4.39 24.00
N ARG D 36 13.97 -3.77 25.08
CA ARG D 36 12.64 -3.17 25.09
C ARG D 36 12.82 -1.74 25.43
N PHE D 37 11.91 -0.91 24.89
CA PHE D 37 12.01 0.50 25.07
C PHE D 37 10.62 1.14 25.21
N ARG D 38 10.59 2.36 25.78
CA ARG D 38 9.32 3.12 25.96
C ARG D 38 9.20 4.34 25.03
N ILE D 39 7.98 4.73 24.65
CA ILE D 39 7.70 5.91 23.85
C ILE D 39 6.60 6.72 24.51
N PRO D 40 6.85 7.99 24.79
CA PRO D 40 5.68 8.74 25.32
C PRO D 40 4.47 8.84 24.33
N TRP D 41 3.24 8.77 24.85
CA TRP D 41 2.09 8.55 24.01
C TRP D 41 0.80 9.24 24.55
N LYS D 42 0.87 10.55 24.76
CA LYS D 42 -0.25 11.33 25.24
C LYS D 42 -1.18 11.65 24.09
N HIS D 43 -2.46 11.63 24.38
CA HIS D 43 -3.59 11.91 23.46
C HIS D 43 -3.71 13.38 23.18
N GLY D 44 -3.84 13.73 21.93
CA GLY D 44 -3.83 15.11 21.50
C GLY D 44 -5.02 15.99 21.88
N LEU D 45 -6.12 15.41 22.34
CA LEU D 45 -7.17 16.30 22.74
C LEU D 45 -6.99 16.67 24.21
N ARG D 46 -6.11 15.94 24.94
CA ARG D 46 -5.88 16.22 26.38
C ARG D 46 -5.45 17.69 26.56
N GLN D 47 -5.90 18.29 27.68
CA GLN D 47 -5.90 19.73 27.91
C GLN D 47 -4.52 20.11 28.40
N ASP D 48 -3.84 19.15 29.03
CA ASP D 48 -2.45 19.36 29.49
C ASP D 48 -1.36 19.21 28.38
N ALA D 49 -1.80 18.81 27.18
CA ALA D 49 -0.93 18.60 25.99
C ALA D 49 -0.23 19.84 25.45
N GLN D 50 1.05 19.68 25.08
CA GLN D 50 1.79 20.71 24.31
C GLN D 50 2.45 20.14 23.04
N GLN D 51 3.31 20.98 22.44
CA GLN D 51 4.30 20.56 21.43
C GLN D 51 5.12 19.34 21.94
N GLU D 52 6.06 19.62 22.84
CA GLU D 52 7.12 18.67 23.20
C GLU D 52 6.66 17.48 24.06
N ASP D 53 5.37 17.45 24.36
CA ASP D 53 4.70 16.27 24.91
C ASP D 53 5.23 15.08 24.11
N PHE D 54 4.89 15.08 22.78
CA PHE D 54 5.39 14.12 21.75
C PHE D 54 6.51 14.57 20.76
N GLY D 55 7.70 14.75 21.39
CA GLY D 55 8.97 14.98 20.77
C GLY D 55 9.33 13.90 19.77
N ILE D 56 9.16 12.61 20.06
CA ILE D 56 9.69 11.57 19.11
C ILE D 56 9.03 11.64 17.75
N PHE D 57 7.72 11.92 17.74
CA PHE D 57 6.99 12.02 16.50
C PHE D 57 7.45 13.18 15.62
N GLN D 58 7.55 14.34 16.26
CA GLN D 58 8.12 15.50 15.66
C GLN D 58 9.57 15.28 15.17
N ALA D 59 10.38 14.68 16.04
CA ALA D 59 11.79 14.37 15.80
C ALA D 59 11.93 13.55 14.50
N TRP D 60 11.06 12.55 14.34
CA TRP D 60 11.05 11.70 13.17
C TRP D 60 10.55 12.42 11.94
N ALA D 61 9.50 13.22 12.09
CA ALA D 61 9.01 14.04 10.95
C ALA D 61 10.11 14.97 10.48
N GLU D 62 10.96 15.43 11.39
CA GLU D 62 12.11 16.25 11.01
C GLU D 62 13.30 15.43 10.50
N ALA D 63 13.56 14.25 11.04
CA ALA D 63 14.70 13.42 10.54
C ALA D 63 14.59 13.04 9.03
N THR D 64 13.36 12.91 8.54
CA THR D 64 13.09 12.61 7.13
C THR D 64 12.85 13.89 6.24
N GLY D 65 12.69 15.06 6.84
CA GLY D 65 12.46 16.20 5.98
C GLY D 65 11.03 16.47 5.66
N ALA D 66 10.13 15.73 6.30
CA ALA D 66 8.68 15.83 6.08
C ALA D 66 8.11 17.09 6.71
N TYR D 67 8.72 17.53 7.81
CA TYR D 67 8.26 18.71 8.55
C TYR D 67 9.47 19.60 8.77
N VAL D 68 9.40 20.83 8.28
CA VAL D 68 10.43 21.82 8.61
C VAL D 68 9.82 22.90 9.52
N PRO D 69 10.29 23.00 10.80
CA PRO D 69 9.66 23.95 11.72
C PRO D 69 9.63 25.32 11.10
N GLY D 70 8.45 25.93 10.98
CA GLY D 70 8.40 27.24 10.30
C GLY D 70 8.10 27.28 8.81
N ARG D 71 8.29 26.17 8.08
CA ARG D 71 7.85 26.05 6.68
C ARG D 71 6.46 25.45 6.56
N ASP D 72 6.19 24.40 7.34
CA ASP D 72 4.93 23.62 7.29
C ASP D 72 4.12 23.94 8.53
N LYS D 73 2.80 23.76 8.43
CA LYS D 73 1.90 23.92 9.58
C LYS D 73 2.14 22.70 10.44
N PRO D 74 2.30 22.88 11.80
CA PRO D 74 2.47 21.72 12.72
C PRO D 74 1.20 20.88 12.81
N ASP D 75 1.38 19.58 12.90
CA ASP D 75 0.29 18.69 12.73
C ASP D 75 0.71 17.48 13.48
N LEU D 76 0.55 17.57 14.79
CA LEU D 76 0.98 16.57 15.75
C LEU D 76 0.23 15.26 15.46
N PRO D 77 -1.09 15.35 15.13
CA PRO D 77 -1.82 14.15 14.73
C PRO D 77 -1.18 13.38 13.58
N THR D 78 -0.75 14.09 12.54
CA THR D 78 -0.07 13.46 11.37
C THR D 78 1.30 12.83 11.77
N TRP D 79 2.09 13.55 12.55
CA TRP D 79 3.36 13.00 13.06
C TRP D 79 3.26 11.73 13.84
N LYS D 80 2.31 11.75 14.79
CA LYS D 80 2.00 10.57 15.56
C LYS D 80 1.63 9.46 14.62
N ARG D 81 0.74 9.72 13.66
CA ARG D 81 0.29 8.63 12.78
C ARG D 81 1.32 8.13 11.80
N ASN D 82 2.11 9.01 11.19
CA ASN D 82 3.31 8.55 10.46
C ASN D 82 4.29 7.60 11.25
N PHE D 83 4.64 7.99 12.48
CA PHE D 83 5.50 7.19 13.34
C PHE D 83 4.95 5.83 13.64
N ARG D 84 3.77 5.77 14.24
CA ARG D 84 3.01 4.52 14.50
C ARG D 84 2.99 3.65 13.26
N SER D 85 2.47 4.23 12.18
CA SER D 85 2.46 3.61 10.87
C SER D 85 3.77 3.01 10.32
N ALA D 86 4.85 3.80 10.28
CA ALA D 86 6.18 3.31 9.95
C ALA D 86 6.57 2.08 10.79
N LEU D 87 6.37 2.13 12.10
CA LEU D 87 6.89 1.08 12.97
C LEU D 87 6.00 -0.12 12.84
N ASN D 88 4.73 0.12 12.48
CA ASN D 88 3.75 -1.00 12.30
C ASN D 88 4.17 -1.98 11.20
N ARG D 89 4.92 -1.50 10.19
CA ARG D 89 5.38 -2.36 9.08
C ARG D 89 6.66 -3.20 9.39
N LYS D 90 7.22 -3.10 10.58
CA LYS D 90 8.60 -3.56 10.83
C LYS D 90 8.67 -4.92 11.39
N GLU D 91 9.09 -5.88 10.57
CA GLU D 91 9.41 -7.18 11.09
C GLU D 91 10.60 -6.88 12.00
N GLY D 92 10.70 -7.66 13.07
CA GLY D 92 11.78 -7.38 13.99
C GLY D 92 11.38 -6.48 15.14
N LEU D 93 10.18 -5.90 15.09
CA LEU D 93 9.69 -5.00 16.12
C LEU D 93 8.27 -5.32 16.49
N ARG D 94 7.89 -5.28 17.77
CA ARG D 94 6.44 -5.35 18.11
C ARG D 94 6.05 -4.40 19.22
N LEU D 95 4.78 -3.98 19.15
CA LEU D 95 4.11 -3.27 20.21
C LEU D 95 3.91 -4.30 21.33
N ALA D 96 4.43 -4.00 22.51
CA ALA D 96 4.45 -4.93 23.64
C ALA D 96 3.55 -4.46 24.77
N GLU D 97 3.22 -3.19 24.83
CA GLU D 97 2.47 -2.70 25.96
C GLU D 97 1.88 -1.34 25.64
N ASP D 98 0.55 -1.26 25.57
CA ASP D 98 -0.09 0.01 25.32
C ASP D 98 -0.60 0.73 26.59
N ARG D 99 0.15 1.72 27.04
CA ARG D 99 -0.24 2.47 28.23
C ARG D 99 -0.50 3.91 27.88
N SER D 100 -1.15 4.11 26.74
CA SER D 100 -1.37 5.45 26.23
C SER D 100 -2.63 6.09 26.83
N LYS D 101 -3.50 5.30 27.48
CA LYS D 101 -4.70 5.91 28.04
C LYS D 101 -4.45 6.29 29.52
N ASP D 102 -3.28 5.92 30.03
CA ASP D 102 -2.90 6.23 31.42
C ASP D 102 -2.99 7.74 31.66
N PRO D 103 -3.59 8.15 32.80
CA PRO D 103 -3.70 9.58 32.99
C PRO D 103 -2.33 10.21 33.37
N HIS D 104 -1.31 9.41 33.70
CA HIS D 104 -0.09 10.04 34.21
C HIS D 104 1.19 9.89 33.45
N ASP D 105 1.53 8.70 33.06
CA ASP D 105 2.75 8.64 32.30
C ASP D 105 2.35 7.78 31.10
N PRO D 106 1.49 8.36 30.19
CA PRO D 106 1.01 7.60 29.04
C PRO D 106 2.16 7.40 28.11
N HIS D 107 2.38 6.13 27.73
CA HIS D 107 3.49 5.68 26.86
C HIS D 107 3.10 4.38 26.27
N LYS D 108 3.89 3.90 25.33
CA LYS D 108 3.83 2.50 24.85
C LYS D 108 5.22 1.89 24.97
N ILE D 109 5.28 0.57 25.12
CA ILE D 109 6.53 -0.21 25.20
C ILE D 109 6.57 -1.06 23.92
N TYR D 110 7.72 -1.08 23.28
CA TYR D 110 8.00 -1.89 22.11
C TYR D 110 9.21 -2.80 22.39
N GLU D 111 9.35 -3.85 21.63
CA GLU D 111 10.35 -4.82 21.97
C GLU D 111 10.94 -5.27 20.66
N PHE D 112 12.26 -5.25 20.51
CA PHE D 112 12.90 -5.87 19.36
C PHE D 112 12.75 -7.32 19.47
N VAL D 113 12.31 -7.91 18.37
CA VAL D 113 12.22 -9.36 18.28
C VAL D 113 13.15 -9.85 17.17
N ASN D 114 14.07 -10.71 17.56
CA ASN D 114 15.11 -11.21 16.66
C ASN D 114 14.48 -12.06 15.56
N SER D 115 14.24 -11.41 14.42
CA SER D 115 13.83 -12.06 13.13
C SER D 115 13.04 -13.39 13.27
N PRO E 7 9.73 -5.94 -27.48
CA PRO E 7 10.08 -4.69 -26.76
C PRO E 7 8.86 -3.92 -26.26
N LYS E 8 9.05 -3.06 -25.28
CA LYS E 8 7.88 -2.43 -24.68
C LYS E 8 7.43 -1.25 -25.49
N PRO E 9 6.09 -1.04 -25.61
CA PRO E 9 5.67 0.21 -26.17
C PRO E 9 6.12 1.34 -25.27
N ARG E 10 6.34 2.50 -25.86
CA ARG E 10 6.49 3.71 -25.17
C ARG E 10 5.09 4.12 -24.79
N ILE E 11 4.97 4.63 -23.55
CA ILE E 11 3.69 5.03 -23.00
C ILE E 11 3.03 6.32 -23.62
N LEU E 12 3.75 7.34 -24.02
CA LEU E 12 3.14 8.59 -24.53
C LEU E 12 2.42 8.49 -25.91
N PRO E 13 3.08 7.87 -26.92
CA PRO E 13 2.36 7.64 -28.19
C PRO E 13 1.15 6.70 -28.05
N TRP E 14 1.28 5.69 -27.22
CA TRP E 14 0.18 4.77 -26.92
C TRP E 14 -0.96 5.57 -26.31
N LEU E 15 -0.64 6.55 -25.43
CA LEU E 15 -1.66 7.43 -24.80
C LEU E 15 -2.44 8.30 -25.76
N VAL E 16 -1.77 9.06 -26.61
CA VAL E 16 -2.44 9.84 -27.66
C VAL E 16 -3.40 8.93 -28.44
N SER E 17 -2.89 7.81 -28.88
CA SER E 17 -3.68 6.84 -29.60
C SER E 17 -4.92 6.47 -28.82
N GLN E 18 -4.76 6.21 -27.52
CA GLN E 18 -5.86 5.85 -26.67
C GLN E 18 -6.90 6.95 -26.45
N LEU E 19 -6.41 8.19 -26.28
CA LEU E 19 -7.29 9.34 -26.21
C LEU E 19 -8.16 9.57 -27.49
N ASP E 20 -7.53 9.46 -28.67
CA ASP E 20 -8.19 9.59 -29.97
C ASP E 20 -9.25 8.53 -30.18
N LEU E 21 -8.95 7.28 -29.88
CA LEU E 21 -9.92 6.22 -29.97
C LEU E 21 -11.10 6.50 -29.07
N GLY E 22 -10.91 7.16 -27.92
CA GLY E 22 -12.03 7.56 -27.10
C GLY E 22 -12.88 6.40 -26.63
N GLN E 23 -12.34 5.17 -26.60
CA GLN E 23 -13.02 3.99 -26.02
C GLN E 23 -12.98 3.79 -24.44
N LEU E 24 -12.45 4.73 -23.64
CA LEU E 24 -12.45 4.50 -22.18
C LEU E 24 -13.06 5.64 -21.44
N GLU E 25 -14.11 5.34 -20.67
CA GLU E 25 -14.84 6.34 -19.85
C GLU E 25 -13.88 7.26 -19.05
N GLY E 26 -14.05 8.56 -19.26
CA GLY E 26 -13.36 9.59 -18.57
C GLY E 26 -11.89 9.67 -18.92
N VAL E 27 -11.43 8.90 -19.89
CA VAL E 27 -10.12 9.10 -20.46
C VAL E 27 -10.36 9.96 -21.74
N ALA E 28 -10.01 11.25 -21.68
CA ALA E 28 -10.39 12.17 -22.76
C ALA E 28 -9.49 13.40 -22.85
N TRP E 29 -9.46 13.94 -24.07
CA TRP E 29 -9.05 15.29 -24.36
C TRP E 29 -10.02 16.24 -23.70
N VAL E 30 -9.49 17.30 -23.14
CA VAL E 30 -10.33 18.26 -22.49
C VAL E 30 -10.04 19.61 -23.12
N ASN E 31 -9.50 19.58 -24.33
CA ASN E 31 -9.36 20.80 -25.14
C ASN E 31 -9.31 20.44 -26.63
N LYS E 32 -9.38 21.49 -27.46
CA LYS E 32 -9.66 21.40 -28.89
C LYS E 32 -8.44 20.94 -29.65
N SER E 33 -7.29 21.32 -29.10
CA SER E 33 -6.00 21.19 -29.78
C SER E 33 -5.42 19.81 -29.44
N ARG E 34 -6.13 19.09 -28.58
CA ARG E 34 -5.70 17.81 -28.08
C ARG E 34 -4.22 17.78 -27.56
N THR E 35 -4.07 18.36 -26.37
CA THR E 35 -2.78 18.45 -25.68
C THR E 35 -3.10 18.34 -24.25
N ARG E 36 -4.38 18.51 -23.91
CA ARG E 36 -4.78 18.36 -22.52
C ARG E 36 -5.77 17.24 -22.38
N PHE E 37 -5.53 16.36 -21.43
CA PHE E 37 -6.35 15.20 -21.30
C PHE E 37 -6.51 14.92 -19.85
N ARG E 38 -7.55 14.14 -19.54
CA ARG E 38 -7.79 13.75 -18.20
C ARG E 38 -7.73 12.25 -18.12
N ILE E 39 -7.46 11.73 -16.90
CA ILE E 39 -7.35 10.28 -16.60
C ILE E 39 -8.09 10.02 -15.30
N PRO E 40 -9.01 9.06 -15.24
CA PRO E 40 -9.62 8.85 -13.92
C PRO E 40 -8.64 8.31 -12.91
N TRP E 41 -8.78 8.74 -11.64
CA TRP E 41 -7.83 8.38 -10.60
C TRP E 41 -8.52 8.14 -9.27
N LYS E 42 -9.51 7.26 -9.20
CA LYS E 42 -10.20 7.01 -7.93
C LYS E 42 -9.28 6.14 -7.08
N HIS E 43 -9.39 6.29 -5.75
CA HIS E 43 -8.55 5.59 -4.81
C HIS E 43 -9.12 4.16 -4.65
N GLY E 44 -8.26 3.15 -4.80
CA GLY E 44 -8.59 1.74 -4.64
C GLY E 44 -9.35 1.41 -3.38
N LEU E 45 -9.06 2.11 -2.29
CA LEU E 45 -9.71 1.82 -0.99
C LEU E 45 -11.20 2.24 -0.88
N ARG E 46 -11.68 3.00 -1.89
CA ARG E 46 -13.03 3.47 -1.92
C ARG E 46 -13.97 2.34 -2.24
N GLN E 47 -15.06 2.29 -1.47
CA GLN E 47 -16.02 1.16 -1.40
C GLN E 47 -16.78 1.00 -2.73
N ASP E 48 -16.89 2.10 -3.49
CA ASP E 48 -17.22 2.06 -4.91
C ASP E 48 -15.97 2.07 -5.86
N ALA E 49 -15.09 1.04 -5.76
CA ALA E 49 -14.00 0.75 -6.74
C ALA E 49 -14.07 -0.66 -7.34
N GLN E 50 -13.64 -0.80 -8.60
CA GLN E 50 -13.70 -2.08 -9.37
C GLN E 50 -12.58 -2.17 -10.46
N GLN E 51 -12.77 -3.02 -11.48
CA GLN E 51 -11.79 -3.24 -12.57
C GLN E 51 -11.57 -2.03 -13.52
N GLU E 52 -12.65 -1.35 -13.90
CA GLU E 52 -12.59 -0.27 -14.90
C GLU E 52 -12.44 1.13 -14.27
N ASP E 53 -12.32 1.15 -12.95
CA ASP E 53 -11.75 2.28 -12.25
C ASP E 53 -10.22 2.35 -12.51
N PHE E 54 -9.67 1.22 -12.94
CA PHE E 54 -8.27 1.10 -13.34
C PHE E 54 -8.14 0.81 -14.86
N GLY E 55 -9.03 1.44 -15.65
CA GLY E 55 -9.13 1.34 -17.13
C GLY E 55 -7.86 1.53 -17.93
N ILE E 56 -7.26 2.73 -17.97
CA ILE E 56 -5.99 2.87 -18.75
C ILE E 56 -4.87 2.10 -18.09
N PHE E 57 -4.94 1.91 -16.78
CA PHE E 57 -3.94 1.17 -16.03
C PHE E 57 -3.83 -0.29 -16.44
N GLN E 58 -5.00 -0.93 -16.55
CA GLN E 58 -5.07 -2.28 -17.05
C GLN E 58 -4.72 -2.29 -18.54
N ALA E 59 -5.34 -1.43 -19.33
CA ALA E 59 -5.05 -1.32 -20.79
C ALA E 59 -3.55 -1.22 -21.01
N TRP E 60 -2.87 -0.43 -20.19
CA TRP E 60 -1.39 -0.33 -20.25
C TRP E 60 -0.61 -1.62 -19.86
N ALA E 61 -1.07 -2.34 -18.81
CA ALA E 61 -0.45 -3.64 -18.37
C ALA E 61 -0.61 -4.75 -19.38
N GLU E 62 -1.71 -4.66 -20.11
CA GLU E 62 -2.00 -5.53 -21.22
C GLU E 62 -1.20 -5.17 -22.47
N ALA E 63 -1.00 -3.89 -22.74
CA ALA E 63 -0.19 -3.48 -23.91
C ALA E 63 1.25 -3.98 -23.85
N THR E 64 1.84 -3.92 -22.66
CA THR E 64 3.22 -4.29 -22.41
C THR E 64 3.38 -5.80 -22.13
N GLY E 65 2.25 -6.53 -22.11
CA GLY E 65 2.27 -7.95 -21.93
C GLY E 65 2.51 -8.30 -20.46
N ALA E 66 2.49 -7.31 -19.58
CA ALA E 66 2.70 -7.60 -18.14
C ALA E 66 1.53 -8.43 -17.67
N TYR E 67 0.33 -8.02 -18.07
CA TYR E 67 -0.88 -8.63 -17.63
C TYR E 67 -1.59 -9.32 -18.79
N VAL E 68 -1.77 -10.63 -18.65
CA VAL E 68 -2.60 -11.34 -19.60
C VAL E 68 -3.86 -11.86 -18.91
N PRO E 69 -5.02 -11.20 -19.17
CA PRO E 69 -6.22 -11.61 -18.41
C PRO E 69 -6.35 -13.16 -18.50
N GLY E 70 -6.38 -13.85 -17.36
CA GLY E 70 -6.40 -15.32 -17.34
C GLY E 70 -5.08 -16.03 -17.06
N ARG E 71 -3.96 -15.47 -17.51
CA ARG E 71 -2.65 -15.95 -17.13
C ARG E 71 -2.45 -15.46 -15.70
N ASP E 72 -2.60 -14.14 -15.54
CA ASP E 72 -2.31 -13.46 -14.30
C ASP E 72 -3.57 -13.10 -13.51
N LYS E 73 -3.38 -12.89 -12.20
CA LYS E 73 -4.35 -12.30 -11.29
C LYS E 73 -4.26 -10.75 -11.32
N PRO E 74 -5.40 -10.05 -11.46
CA PRO E 74 -5.49 -8.60 -11.23
C PRO E 74 -4.68 -8.05 -10.02
N ASP E 75 -3.97 -6.98 -10.28
CA ASP E 75 -3.20 -6.39 -9.23
C ASP E 75 -3.30 -4.93 -9.56
N LEU E 76 -4.44 -4.37 -9.27
CA LEU E 76 -4.65 -3.01 -9.66
C LEU E 76 -3.68 -1.97 -9.03
N PRO E 77 -3.33 -2.09 -7.73
CA PRO E 77 -2.26 -1.23 -7.20
C PRO E 77 -0.99 -1.28 -8.03
N THR E 78 -0.52 -2.48 -8.41
CA THR E 78 0.64 -2.58 -9.34
C THR E 78 0.38 -1.95 -10.72
N TRP E 79 -0.78 -2.13 -11.31
CA TRP E 79 -1.07 -1.44 -12.60
C TRP E 79 -0.94 0.06 -12.51
N LYS E 80 -1.59 0.59 -11.48
CA LYS E 80 -1.64 1.99 -11.21
C LYS E 80 -0.24 2.50 -10.85
N ARG E 81 0.49 1.73 -10.05
CA ARG E 81 1.86 1.92 -9.66
C ARG E 81 2.70 2.06 -10.93
N ASN E 82 2.57 1.13 -11.88
CA ASN E 82 3.42 1.09 -13.06
C ASN E 82 2.99 2.12 -14.09
N PHE E 83 1.69 2.42 -14.17
CA PHE E 83 1.22 3.52 -15.07
C PHE E 83 1.76 4.86 -14.58
N ARG E 84 1.60 5.14 -13.29
CA ARG E 84 2.13 6.35 -12.65
C ARG E 84 3.63 6.43 -12.76
N SER E 85 4.34 5.33 -12.44
CA SER E 85 5.82 5.23 -12.64
C SER E 85 6.28 5.52 -14.08
N ALA E 86 5.50 5.04 -15.08
CA ALA E 86 5.86 5.26 -16.49
C ALA E 86 5.70 6.71 -16.89
N LEU E 87 4.74 7.41 -16.26
CA LEU E 87 4.59 8.87 -16.40
C LEU E 87 5.46 9.65 -15.43
N ASN E 88 6.09 8.95 -14.49
CA ASN E 88 6.71 9.64 -13.35
C ASN E 88 7.69 10.77 -13.64
N ARG E 89 8.71 10.59 -14.46
CA ARG E 89 9.45 11.84 -14.69
C ARG E 89 9.77 11.92 -16.15
N LYS E 90 8.73 12.25 -16.92
CA LYS E 90 8.73 12.10 -18.36
C LYS E 90 8.87 13.46 -18.97
N GLU E 91 9.95 13.74 -19.70
CA GLU E 91 9.99 15.04 -20.42
C GLU E 91 8.83 15.05 -21.41
N GLY E 92 8.07 16.12 -21.40
CA GLY E 92 7.02 16.22 -22.42
C GLY E 92 5.63 16.02 -21.85
N LEU E 93 5.60 15.49 -20.64
CA LEU E 93 4.35 15.43 -19.92
C LEU E 93 4.49 16.04 -18.55
N ARG E 94 3.52 16.82 -18.14
CA ARG E 94 3.45 17.26 -16.75
C ARG E 94 2.04 17.00 -16.22
N LEU E 95 1.95 16.75 -14.90
CA LEU E 95 0.65 16.68 -14.24
C LEU E 95 0.15 18.11 -13.92
N ALA E 96 -0.89 18.56 -14.63
CA ALA E 96 -1.43 19.95 -14.46
C ALA E 96 -2.33 20.14 -13.25
N GLU E 97 -2.82 19.06 -12.67
CA GLU E 97 -3.92 19.18 -11.74
C GLU E 97 -4.20 17.84 -11.11
N ASP E 98 -4.11 17.78 -9.78
CA ASP E 98 -4.43 16.56 -9.05
C ASP E 98 -5.78 16.76 -8.36
N ARG E 99 -6.79 16.12 -8.94
CA ARG E 99 -8.11 16.01 -8.34
C ARG E 99 -8.42 14.56 -8.05
N SER E 100 -7.39 13.76 -7.79
CA SER E 100 -7.60 12.35 -7.38
C SER E 100 -8.29 12.25 -6.03
N LYS E 101 -8.37 13.39 -5.34
CA LYS E 101 -9.01 13.43 -4.04
C LYS E 101 -10.53 13.81 -4.07
N ASP E 102 -11.03 14.29 -5.22
CA ASP E 102 -12.43 14.72 -5.33
C ASP E 102 -13.39 13.58 -5.02
N PRO E 103 -14.40 13.85 -4.19
CA PRO E 103 -15.49 12.92 -3.95
C PRO E 103 -16.21 12.53 -5.23
N HIS E 104 -16.37 13.54 -6.11
CA HIS E 104 -17.24 13.51 -7.26
C HIS E 104 -16.57 12.85 -8.45
N ASP E 105 -15.63 13.52 -9.09
CA ASP E 105 -14.98 12.77 -10.18
C ASP E 105 -13.48 12.85 -10.06
N PRO E 106 -12.91 11.91 -9.27
CA PRO E 106 -11.47 11.94 -9.01
C PRO E 106 -10.74 11.63 -10.30
N HIS E 107 -9.84 12.52 -10.66
CA HIS E 107 -9.11 12.37 -11.90
C HIS E 107 -7.85 13.20 -11.78
N LYS E 108 -6.90 13.01 -12.69
CA LYS E 108 -5.76 13.93 -12.76
C LYS E 108 -5.76 14.47 -14.19
N ILE E 109 -5.27 15.70 -14.34
CA ILE E 109 -5.18 16.35 -15.64
C ILE E 109 -3.70 16.41 -16.00
N TYR E 110 -3.39 15.99 -17.22
CA TYR E 110 -2.02 15.94 -17.71
C TYR E 110 -2.04 16.78 -18.96
N GLU E 111 -0.87 17.34 -19.26
CA GLU E 111 -0.62 18.10 -20.46
C GLU E 111 0.72 17.75 -21.09
N PHE E 112 0.70 17.76 -22.43
CA PHE E 112 1.87 17.58 -23.27
C PHE E 112 2.52 18.93 -23.39
N VAL E 113 3.82 18.98 -23.13
CA VAL E 113 4.63 20.20 -23.11
C VAL E 113 5.88 20.17 -24.02
N THR F 6 44.63 -22.19 -22.88
CA THR F 6 43.41 -22.83 -23.48
C THR F 6 42.43 -21.71 -23.94
N PRO F 7 41.59 -21.95 -24.99
CA PRO F 7 40.83 -20.84 -25.61
C PRO F 7 39.57 -20.42 -24.82
N LYS F 8 38.77 -19.50 -25.38
CA LYS F 8 37.57 -19.03 -24.66
C LYS F 8 36.38 -20.03 -24.77
N PRO F 9 35.73 -20.34 -23.65
CA PRO F 9 34.62 -21.24 -23.89
C PRO F 9 33.51 -20.54 -24.72
N ARG F 10 32.77 -21.33 -25.50
CA ARG F 10 31.56 -20.84 -26.12
C ARG F 10 30.41 -21.02 -25.12
N ILE F 11 29.51 -20.01 -25.08
CA ILE F 11 28.42 -19.89 -24.11
C ILE F 11 27.52 -21.08 -24.09
N LEU F 12 27.03 -21.51 -25.24
CA LEU F 12 26.15 -22.65 -25.25
C LEU F 12 26.79 -23.94 -24.75
N PRO F 13 27.92 -24.45 -25.32
CA PRO F 13 28.52 -25.62 -24.64
C PRO F 13 28.98 -25.40 -23.17
N TRP F 14 29.50 -24.22 -22.84
CA TRP F 14 29.83 -23.96 -21.44
C TRP F 14 28.56 -24.05 -20.60
N LEU F 15 27.52 -23.34 -21.02
CA LEU F 15 26.21 -23.43 -20.36
C LEU F 15 25.71 -24.89 -20.12
N VAL F 16 25.61 -25.67 -21.18
CA VAL F 16 25.30 -27.12 -21.10
C VAL F 16 26.15 -27.90 -20.03
N SER F 17 27.41 -27.52 -19.88
CA SER F 17 28.36 -28.20 -19.06
C SER F 17 28.09 -27.90 -17.59
N GLN F 18 27.73 -26.65 -17.31
CA GLN F 18 27.37 -26.17 -15.99
C GLN F 18 26.03 -26.64 -15.56
N LEU F 19 25.12 -26.77 -16.52
CA LEU F 19 23.82 -27.42 -16.21
C LEU F 19 24.06 -28.93 -15.87
N ASP F 20 24.86 -29.65 -16.68
CA ASP F 20 25.29 -31.04 -16.36
C ASP F 20 26.05 -31.21 -15.01
N LEU F 21 27.06 -30.40 -14.73
CA LEU F 21 27.83 -30.62 -13.55
C LEU F 21 27.03 -30.48 -12.26
N GLY F 22 25.97 -29.69 -12.29
CA GLY F 22 25.13 -29.34 -11.11
C GLY F 22 25.85 -28.68 -9.92
N GLN F 23 26.88 -27.91 -10.16
CA GLN F 23 27.52 -27.33 -9.02
C GLN F 23 26.91 -25.98 -8.64
N LEU F 24 26.03 -25.43 -9.47
CA LEU F 24 25.42 -24.13 -9.17
C LEU F 24 23.95 -24.26 -8.68
N GLU F 25 23.66 -23.78 -7.48
CA GLU F 25 22.31 -23.91 -6.95
C GLU F 25 21.28 -23.19 -7.86
N GLY F 26 20.19 -23.89 -8.17
CA GLY F 26 19.03 -23.39 -8.88
C GLY F 26 19.19 -23.44 -10.40
N VAL F 27 20.37 -23.85 -10.87
CA VAL F 27 20.72 -23.90 -12.30
C VAL F 27 20.62 -25.33 -12.71
N ALA F 28 19.61 -25.66 -13.54
CA ALA F 28 19.24 -27.05 -13.70
C ALA F 28 18.40 -27.25 -14.92
N TRP F 29 18.53 -28.40 -15.53
CA TRP F 29 17.61 -28.85 -16.55
C TRP F 29 16.27 -28.96 -15.90
N VAL F 30 15.22 -28.71 -16.67
CA VAL F 30 13.93 -28.62 -16.05
C VAL F 30 12.95 -29.63 -16.71
N ASN F 31 13.44 -30.36 -17.72
CA ASN F 31 12.67 -31.51 -18.22
C ASN F 31 13.54 -32.75 -18.41
N LYS F 32 12.94 -33.83 -18.92
CA LYS F 32 13.56 -35.17 -18.92
C LYS F 32 14.50 -35.23 -20.12
N SER F 33 14.05 -34.61 -21.20
CA SER F 33 14.81 -34.62 -22.43
C SER F 33 15.90 -33.55 -22.43
N ARG F 34 16.00 -32.77 -21.34
CA ARG F 34 17.10 -31.85 -21.09
C ARG F 34 17.22 -30.86 -22.23
N THR F 35 16.13 -30.18 -22.58
CA THR F 35 16.16 -29.12 -23.58
C THR F 35 15.56 -27.85 -22.98
N ARG F 36 15.04 -27.94 -21.77
CA ARG F 36 14.47 -26.79 -21.11
C ARG F 36 15.29 -26.63 -19.85
N PHE F 37 15.50 -25.39 -19.45
CA PHE F 37 16.23 -25.19 -18.22
C PHE F 37 15.88 -23.88 -17.52
N ARG F 38 16.23 -23.82 -16.23
CA ARG F 38 15.96 -22.66 -15.39
C ARG F 38 17.22 -22.00 -14.95
N ILE F 39 17.13 -20.67 -14.82
CA ILE F 39 18.21 -19.86 -14.32
C ILE F 39 17.67 -18.97 -13.21
N PRO F 40 18.25 -19.00 -11.98
CA PRO F 40 17.76 -18.11 -10.88
C PRO F 40 17.81 -16.69 -11.37
N TRP F 41 16.81 -15.83 -11.04
CA TRP F 41 16.68 -14.54 -11.75
C TRP F 41 16.16 -13.46 -10.81
N LYS F 42 16.72 -13.38 -9.61
CA LYS F 42 16.35 -12.52 -8.51
C LYS F 42 16.72 -11.14 -8.92
N HIS F 43 15.85 -10.18 -8.66
CA HIS F 43 16.06 -8.83 -9.09
C HIS F 43 17.14 -8.24 -8.20
N GLY F 44 18.12 -7.59 -8.79
CA GLY F 44 19.24 -6.98 -8.08
C GLY F 44 18.97 -6.00 -6.94
N LEU F 45 17.81 -5.32 -6.92
CA LEU F 45 17.53 -4.35 -5.86
C LEU F 45 17.18 -5.09 -4.57
N ARG F 46 16.93 -6.39 -4.67
CA ARG F 46 16.62 -7.17 -3.47
C ARG F 46 17.79 -7.33 -2.53
N GLN F 47 17.54 -7.04 -1.28
CA GLN F 47 18.50 -7.16 -0.19
C GLN F 47 19.08 -8.58 -0.20
N ASP F 48 18.19 -9.57 -0.12
CA ASP F 48 18.59 -11.00 -0.13
C ASP F 48 19.46 -11.52 -1.30
N ALA F 49 19.79 -10.64 -2.27
CA ALA F 49 20.66 -10.98 -3.42
C ALA F 49 22.15 -11.07 -3.04
N GLY F 55 25.80 -15.14 -10.32
CA GLY F 55 25.26 -16.55 -10.13
C GLY F 55 26.05 -17.62 -10.95
N ILE F 56 25.36 -18.30 -11.88
CA ILE F 56 25.86 -18.62 -13.23
C ILE F 56 26.32 -17.31 -14.00
N PHE F 57 25.68 -16.19 -13.74
CA PHE F 57 26.04 -14.92 -14.34
C PHE F 57 27.48 -14.59 -13.98
N GLN F 58 27.78 -14.61 -12.68
CA GLN F 58 29.14 -14.54 -12.19
C GLN F 58 30.11 -15.59 -12.75
N ALA F 59 29.68 -16.84 -12.83
CA ALA F 59 30.59 -17.92 -13.22
C ALA F 59 30.99 -17.73 -14.71
N TRP F 60 30.08 -17.21 -15.50
CA TRP F 60 30.33 -16.96 -16.88
C TRP F 60 31.25 -15.74 -16.96
N ALA F 61 31.07 -14.76 -16.10
CA ALA F 61 32.07 -13.65 -15.97
C ALA F 61 33.47 -14.22 -15.60
N GLU F 62 33.51 -15.18 -14.68
CA GLU F 62 34.76 -15.89 -14.35
C GLU F 62 35.36 -16.78 -15.46
N ALA F 63 34.51 -17.58 -16.11
CA ALA F 63 34.94 -18.41 -17.25
C ALA F 63 35.63 -17.60 -18.36
N THR F 64 35.15 -16.39 -18.64
CA THR F 64 35.57 -15.63 -19.80
C THR F 64 36.68 -14.65 -19.47
N GLY F 65 37.09 -14.55 -18.22
CA GLY F 65 38.14 -13.60 -17.83
C GLY F 65 37.64 -12.21 -17.49
N ALA F 66 36.31 -12.02 -17.58
CA ALA F 66 35.65 -10.73 -17.36
C ALA F 66 35.58 -10.39 -15.89
N TYR F 67 35.76 -11.39 -15.03
CA TYR F 67 35.83 -11.17 -13.61
C TYR F 67 36.83 -12.13 -12.91
N VAL F 68 37.75 -11.53 -12.15
CA VAL F 68 38.70 -12.25 -11.30
C VAL F 68 38.42 -11.69 -9.91
N PRO F 69 38.12 -12.58 -8.94
CA PRO F 69 38.00 -12.05 -7.58
C PRO F 69 39.39 -11.54 -7.05
N GLY F 70 39.40 -10.36 -6.44
CA GLY F 70 40.64 -9.63 -6.15
C GLY F 70 40.77 -8.47 -7.14
N ARG F 71 41.22 -8.76 -8.36
CA ARG F 71 41.29 -7.78 -9.45
C ARG F 71 40.00 -6.92 -9.63
N ASP F 72 38.82 -7.56 -9.59
CA ASP F 72 37.61 -6.81 -9.93
C ASP F 72 36.63 -6.45 -8.79
N LYS F 73 35.99 -5.28 -8.96
CA LYS F 73 34.79 -4.87 -8.23
C LYS F 73 33.64 -5.72 -8.75
N PRO F 74 32.92 -6.46 -7.84
CA PRO F 74 31.73 -7.25 -8.23
C PRO F 74 30.68 -6.40 -8.92
N ASP F 75 29.89 -6.99 -9.81
CA ASP F 75 28.96 -6.22 -10.58
C ASP F 75 27.88 -7.09 -11.10
N LEU F 76 26.98 -7.54 -10.19
CA LEU F 76 25.94 -8.47 -10.57
C LEU F 76 25.14 -7.92 -11.74
N PRO F 77 24.77 -6.64 -11.71
CA PRO F 77 24.00 -6.19 -12.84
C PRO F 77 24.65 -6.47 -14.20
N THR F 78 25.97 -6.32 -14.33
CA THR F 78 26.56 -6.45 -15.67
C THR F 78 26.68 -7.94 -16.07
N TRP F 79 26.95 -8.79 -15.07
CA TRP F 79 26.97 -10.25 -15.25
C TRP F 79 25.64 -10.76 -15.78
N LYS F 80 24.54 -10.29 -15.19
CA LYS F 80 23.21 -10.68 -15.62
C LYS F 80 22.91 -10.20 -17.07
N ARG F 81 23.23 -8.94 -17.33
CA ARG F 81 22.99 -8.29 -18.61
C ARG F 81 23.74 -8.99 -19.77
N ASN F 82 25.01 -9.31 -19.51
CA ASN F 82 25.84 -9.97 -20.49
C ASN F 82 25.39 -11.36 -20.74
N PHE F 83 25.08 -12.07 -19.67
CA PHE F 83 24.52 -13.41 -19.83
C PHE F 83 23.24 -13.46 -20.74
N ARG F 84 22.22 -12.68 -20.35
CA ARG F 84 20.98 -12.43 -21.10
C ARG F 84 21.15 -12.00 -22.59
N SER F 85 21.96 -10.94 -22.86
CA SER F 85 22.12 -10.49 -24.21
C SER F 85 22.77 -11.57 -25.03
N ALA F 86 23.67 -12.32 -24.40
CA ALA F 86 24.39 -13.37 -25.18
C ALA F 86 23.43 -14.41 -25.63
N LEU F 87 22.54 -14.78 -24.71
CA LEU F 87 21.51 -15.76 -24.96
C LEU F 87 20.45 -15.24 -25.95
N ASN F 88 20.19 -13.93 -26.00
CA ASN F 88 19.11 -13.39 -26.89
C ASN F 88 19.42 -13.60 -28.39
N ARG F 89 20.71 -13.68 -28.68
CA ARG F 89 21.24 -13.68 -29.99
C ARG F 89 21.08 -15.08 -30.62
N LYS F 90 20.92 -16.09 -29.78
CA LYS F 90 21.08 -17.44 -30.26
C LYS F 90 19.80 -17.89 -30.87
N GLU F 91 19.84 -18.13 -32.16
CA GLU F 91 18.76 -18.91 -32.74
C GLU F 91 18.93 -20.31 -32.11
N GLY F 92 17.81 -21.02 -31.95
CA GLY F 92 17.93 -22.36 -31.43
C GLY F 92 17.78 -22.38 -29.93
N LEU F 93 17.65 -21.20 -29.32
CA LEU F 93 17.31 -21.03 -27.90
C LEU F 93 16.28 -19.89 -27.79
N ARG F 94 15.15 -20.16 -27.14
CA ARG F 94 14.11 -19.14 -26.88
C ARG F 94 13.88 -19.08 -25.38
N LEU F 95 13.49 -17.90 -24.92
CA LEU F 95 12.98 -17.64 -23.58
C LEU F 95 11.55 -18.16 -23.47
N ALA F 96 11.34 -19.22 -22.68
CA ALA F 96 10.01 -19.85 -22.61
C ALA F 96 9.11 -19.24 -21.58
N GLU F 97 9.65 -18.62 -20.52
CA GLU F 97 8.83 -18.18 -19.36
C GLU F 97 9.61 -17.22 -18.52
N ASP F 98 9.04 -16.07 -18.23
CA ASP F 98 9.64 -15.12 -17.34
C ASP F 98 8.98 -15.17 -15.94
N ARG F 99 9.63 -15.82 -14.97
CA ARG F 99 9.21 -15.76 -13.55
C ARG F 99 10.13 -14.94 -12.66
N SER F 100 10.83 -13.97 -13.25
CA SER F 100 11.81 -13.17 -12.55
C SER F 100 11.28 -12.24 -11.46
N LYS F 101 9.98 -11.93 -11.47
CA LYS F 101 9.34 -11.20 -10.35
C LYS F 101 8.79 -12.04 -9.14
N ASP F 102 8.61 -13.34 -9.32
CA ASP F 102 8.09 -14.16 -8.26
C ASP F 102 8.81 -13.90 -6.95
N PRO F 103 8.08 -13.69 -5.84
CA PRO F 103 8.93 -13.34 -4.66
C PRO F 103 9.68 -14.50 -4.00
N HIS F 104 9.29 -15.75 -4.25
CA HIS F 104 9.99 -16.89 -3.61
C HIS F 104 11.16 -17.45 -4.43
N ASP F 105 10.92 -17.87 -5.68
CA ASP F 105 12.06 -18.39 -6.48
C ASP F 105 12.04 -17.66 -7.82
N PRO F 106 12.48 -16.37 -7.84
CA PRO F 106 12.56 -15.63 -9.11
C PRO F 106 13.57 -16.35 -10.07
N HIS F 107 13.09 -16.68 -11.27
CA HIS F 107 13.87 -17.40 -12.24
C HIS F 107 13.31 -17.16 -13.67
N LYS F 108 14.06 -17.58 -14.70
CA LYS F 108 13.51 -17.71 -16.05
C LYS F 108 13.73 -19.10 -16.60
N ILE F 109 12.99 -19.42 -17.65
CA ILE F 109 12.97 -20.76 -18.23
C ILE F 109 13.31 -20.53 -19.68
N TYR F 110 14.40 -21.15 -20.16
CA TYR F 110 14.74 -21.18 -21.58
C TYR F 110 14.53 -22.59 -22.14
N GLU F 111 14.51 -22.71 -23.47
CA GLU F 111 14.33 -23.92 -24.19
C GLU F 111 15.24 -23.90 -25.43
N PHE F 112 16.00 -24.98 -25.60
CA PHE F 112 16.77 -25.26 -26.81
C PHE F 112 15.71 -25.76 -27.75
N VAL F 113 15.67 -25.18 -28.95
CA VAL F 113 14.66 -25.52 -29.97
C VAL F 113 15.33 -25.58 -31.41
N ASN F 114 14.70 -26.23 -32.42
CA ASN F 114 15.13 -25.98 -33.84
C ASN F 114 14.26 -26.49 -34.97
#